data_3CEW
#
_entry.id   3CEW
#
_cell.length_a   49.140
_cell.length_b   87.834
_cell.length_c   128.032
_cell.angle_alpha   90.00
_cell.angle_beta   90.00
_cell.angle_gamma   90.00
#
_symmetry.space_group_name_H-M   'P 21 21 21'
#
loop_
_entity.id
_entity.type
_entity.pdbx_description
1 polymer 'Uncharacterized cupin protein'
2 non-polymer 'ZINC ION'
3 water water
#
_entity_poly.entity_id   1
_entity_poly.type   'polypeptide(L)'
_entity_poly.pdbx_seq_one_letter_code
;(MSE)KNYQK(MSE)SVAQDARVELHDSLALTGAEVSINHLPAGAGVPFVHSHKQNEEIYGILSGKGFITIDGEKIELQA
GDWLRIAPDGKRQISAASDSPIGFLCIQVKAGSLEGYT(MSE)TDGVVQLEHHHHHH
;
_entity_poly.pdbx_strand_id   A,B,C,D
#
# COMPACT_ATOMS: atom_id res chain seq x y z
N LYS A 2 29.53 -11.56 -2.00
CA LYS A 2 28.11 -11.60 -1.67
C LYS A 2 27.25 -10.52 -2.32
N ASN A 3 25.99 -10.86 -2.56
CA ASN A 3 25.04 -9.93 -3.18
C ASN A 3 24.43 -8.98 -2.15
N TYR A 4 25.07 -8.87 -1.00
CA TYR A 4 24.56 -7.99 0.05
C TYR A 4 25.66 -7.59 1.03
N GLN A 5 25.37 -6.54 1.81
CA GLN A 5 26.25 -6.04 2.85
C GLN A 5 25.33 -5.65 4.00
N LYS A 6 25.80 -5.87 5.23
CA LYS A 6 25.01 -5.57 6.41
C LYS A 6 25.82 -4.86 7.48
N SER A 8 25.16 -2.78 11.67
CA SER A 8 24.24 -2.45 12.75
C SER A 8 24.50 -1.03 13.22
N VAL A 9 23.43 -0.32 13.53
CA VAL A 9 23.53 1.05 13.98
C VAL A 9 22.91 1.19 15.37
N ALA A 10 23.65 1.79 16.29
CA ALA A 10 23.16 2.01 17.65
C ALA A 10 21.88 2.87 17.60
N GLN A 11 21.03 2.71 18.61
CA GLN A 11 19.76 3.44 18.70
C GLN A 11 19.88 4.95 18.50
N ASP A 12 20.92 5.55 19.07
CA ASP A 12 21.12 6.99 18.95
C ASP A 12 22.44 7.34 18.24
N ALA A 13 22.80 6.57 17.23
CA ALA A 13 24.03 6.84 16.49
C ALA A 13 23.73 7.63 15.23
N ARG A 14 24.64 8.52 14.88
CA ARG A 14 24.53 9.35 13.69
C ARG A 14 25.54 8.86 12.68
N VAL A 15 25.05 8.32 11.57
CA VAL A 15 25.93 7.78 10.54
C VAL A 15 25.33 7.90 9.15
N GLU A 16 26.19 7.73 8.14
CA GLU A 16 25.79 7.75 6.75
C GLU A 16 26.08 6.34 6.25
N LEU A 17 25.19 5.82 5.43
CA LEU A 17 25.33 4.46 4.92
C LEU A 17 26.01 4.26 3.57
N HIS A 18 26.10 5.31 2.75
CA HIS A 18 26.68 5.13 1.43
C HIS A 18 28.00 4.38 1.38
N ASP A 19 29.03 4.90 2.03
CA ASP A 19 30.33 4.23 1.99
C ASP A 19 30.40 2.92 2.77
N SER A 20 29.76 2.87 3.94
CA SER A 20 29.77 1.68 4.77
C SER A 20 29.05 0.48 4.14
N LEU A 21 28.02 0.74 3.35
CA LEU A 21 27.29 -0.32 2.70
C LEU A 21 27.56 -0.37 1.19
N ALA A 22 28.39 0.56 0.72
CA ALA A 22 28.73 0.64 -0.70
C ALA A 22 27.47 0.80 -1.55
N LEU A 23 26.61 1.75 -1.18
CA LEU A 23 25.40 1.99 -1.92
C LEU A 23 25.75 2.59 -3.28
N THR A 24 24.92 2.34 -4.28
CA THR A 24 25.17 2.88 -5.62
C THR A 24 23.96 3.63 -6.13
N GLY A 25 22.85 3.52 -5.43
CA GLY A 25 21.65 4.20 -5.87
C GLY A 25 21.13 5.26 -4.92
N ALA A 26 21.80 5.43 -3.78
CA ALA A 26 21.36 6.42 -2.82
C ALA A 26 22.36 6.62 -1.70
N GLU A 27 22.05 7.59 -0.86
CA GLU A 27 22.83 7.87 0.33
C GLU A 27 21.75 7.91 1.39
N VAL A 28 22.00 7.27 2.53
CA VAL A 28 21.04 7.26 3.62
C VAL A 28 21.72 7.74 4.88
N SER A 29 21.19 8.79 5.47
CA SER A 29 21.78 9.31 6.69
C SER A 29 20.79 9.18 7.83
N ILE A 30 21.27 8.68 8.96
CA ILE A 30 20.44 8.52 10.15
C ILE A 30 20.93 9.58 11.13
N ASN A 31 20.04 10.43 11.59
CA ASN A 31 20.44 11.47 12.52
C ASN A 31 19.35 11.78 13.53
N HIS A 32 19.70 12.62 14.50
CA HIS A 32 18.73 13.04 15.50
C HIS A 32 19.27 14.23 16.24
N LEU A 33 18.36 15.13 16.59
CA LEU A 33 18.72 16.35 17.27
C LEU A 33 18.08 16.39 18.65
N PRO A 34 18.82 16.88 19.65
CA PRO A 34 18.29 16.95 21.01
C PRO A 34 17.27 18.09 21.03
N ALA A 35 16.43 18.10 22.06
CA ALA A 35 15.41 19.14 22.20
C ALA A 35 16.00 20.54 22.03
N GLY A 36 15.28 21.40 21.32
CA GLY A 36 15.73 22.77 21.13
C GLY A 36 16.88 22.96 20.14
N ALA A 37 17.33 21.89 19.51
CA ALA A 37 18.42 22.00 18.56
C ALA A 37 17.92 21.80 17.13
N GLY A 38 18.77 22.13 16.16
CA GLY A 38 18.40 21.96 14.76
C GLY A 38 19.59 22.15 13.84
N VAL A 39 19.45 21.74 12.58
CA VAL A 39 20.52 21.92 11.61
C VAL A 39 20.79 23.42 11.53
N PRO A 40 22.05 23.82 11.76
CA PRO A 40 22.46 25.23 11.75
C PRO A 40 22.49 25.94 10.41
N PHE A 41 22.02 25.28 9.36
CA PHE A 41 22.02 25.92 8.05
C PHE A 41 20.86 25.45 7.17
N VAL A 42 20.63 26.18 6.08
CA VAL A 42 19.58 25.87 5.13
C VAL A 42 20.23 25.38 3.84
N HIS A 43 19.63 24.40 3.18
CA HIS A 43 20.21 23.93 1.94
C HIS A 43 19.21 23.35 0.97
N SER A 44 19.64 23.28 -0.29
CA SER A 44 18.85 22.72 -1.35
C SER A 44 19.79 21.74 -2.06
N HIS A 45 19.31 21.17 -3.16
CA HIS A 45 20.11 20.21 -3.92
C HIS A 45 20.13 20.52 -5.40
N LYS A 46 21.20 20.11 -6.08
CA LYS A 46 21.33 20.36 -7.50
C LYS A 46 20.50 19.37 -8.32
N GLN A 47 20.62 18.08 -8.00
CA GLN A 47 19.86 17.10 -8.76
C GLN A 47 19.28 15.95 -7.94
N ASN A 48 19.52 15.95 -6.63
CA ASN A 48 18.99 14.88 -5.80
C ASN A 48 17.67 15.19 -5.09
N GLU A 49 16.74 14.27 -5.23
CA GLU A 49 15.46 14.34 -4.55
C GLU A 49 15.78 13.86 -3.13
N GLU A 50 15.06 14.36 -2.14
CA GLU A 50 15.33 13.93 -0.79
C GLU A 50 14.05 13.45 -0.11
N ILE A 51 14.14 12.32 0.58
CA ILE A 51 12.99 11.74 1.26
C ILE A 51 13.30 11.71 2.75
N TYR A 52 12.45 12.33 3.53
CA TYR A 52 12.64 12.37 4.98
C TYR A 52 11.62 11.48 5.66
N GLY A 53 12.10 10.73 6.64
CA GLY A 53 11.23 9.87 7.41
C GLY A 53 11.51 10.11 8.88
N ILE A 54 10.51 10.55 9.64
CA ILE A 54 10.71 10.81 11.06
C ILE A 54 10.48 9.50 11.81
N LEU A 55 11.54 8.99 12.42
CA LEU A 55 11.48 7.74 13.16
C LEU A 55 11.02 7.88 14.59
N SER A 56 11.31 9.03 15.20
CA SER A 56 10.92 9.23 16.59
C SER A 56 10.87 10.70 16.97
N GLY A 57 10.27 10.97 18.11
CA GLY A 57 10.18 12.33 18.61
C GLY A 57 9.29 13.21 17.78
N LYS A 58 9.58 14.50 17.80
CA LYS A 58 8.80 15.47 17.07
C LYS A 58 9.61 16.73 16.84
N GLY A 59 9.16 17.56 15.92
CA GLY A 59 9.87 18.79 15.63
C GLY A 59 9.25 19.56 14.48
N PHE A 60 10.10 20.25 13.72
CA PHE A 60 9.64 21.05 12.59
C PHE A 60 10.66 21.03 11.47
N ILE A 61 10.20 21.35 10.28
CA ILE A 61 11.11 21.46 9.15
C ILE A 61 10.61 22.67 8.35
N THR A 62 11.52 23.57 8.02
CA THR A 62 11.14 24.75 7.28
C THR A 62 11.54 24.53 5.83
N ILE A 63 10.55 24.61 4.95
CA ILE A 63 10.80 24.43 3.52
C ILE A 63 10.35 25.69 2.80
N ASP A 64 11.31 26.39 2.20
CA ASP A 64 11.03 27.61 1.46
C ASP A 64 10.21 28.61 2.29
N GLY A 65 10.67 28.89 3.51
CA GLY A 65 9.98 29.86 4.36
C GLY A 65 8.79 29.32 5.12
N GLU A 66 8.29 28.14 4.74
CA GLU A 66 7.14 27.56 5.41
C GLU A 66 7.57 26.46 6.38
N LYS A 67 7.19 26.59 7.65
CA LYS A 67 7.57 25.57 8.59
C LYS A 67 6.46 24.55 8.80
N ILE A 68 6.83 23.28 8.68
CA ILE A 68 5.89 22.18 8.82
C ILE A 68 6.16 21.39 10.09
N GLU A 69 5.11 21.13 10.86
CA GLU A 69 5.27 20.37 12.09
C GLU A 69 5.54 18.91 11.73
N LEU A 70 6.38 18.27 12.53
CA LEU A 70 6.76 16.88 12.31
C LEU A 70 6.61 16.04 13.56
N GLN A 71 6.28 14.77 13.35
CA GLN A 71 6.16 13.80 14.44
C GLN A 71 6.46 12.41 13.88
N ALA A 72 6.76 11.48 14.77
CA ALA A 72 7.07 10.11 14.38
C ALA A 72 6.01 9.63 13.39
N GLY A 73 6.44 8.99 12.32
CA GLY A 73 5.50 8.49 11.32
C GLY A 73 5.32 9.40 10.11
N ASP A 74 5.84 10.62 10.17
CA ASP A 74 5.73 11.55 9.05
C ASP A 74 6.79 11.29 7.99
N TRP A 75 6.38 11.33 6.72
CA TRP A 75 7.29 11.12 5.60
C TRP A 75 7.12 12.26 4.60
N LEU A 76 8.24 12.75 4.08
CA LEU A 76 8.18 13.84 3.11
C LEU A 76 9.11 13.67 1.93
N ARG A 77 8.70 14.24 0.81
CA ARG A 77 9.51 14.22 -0.40
C ARG A 77 9.86 15.70 -0.56
N ILE A 78 11.11 15.99 -0.88
CA ILE A 78 11.49 17.38 -1.09
C ILE A 78 12.19 17.47 -2.43
N ALA A 79 11.69 18.34 -3.30
CA ALA A 79 12.30 18.50 -4.61
C ALA A 79 13.63 19.22 -4.43
N PRO A 80 14.55 19.03 -5.37
CA PRO A 80 15.88 19.65 -5.35
C PRO A 80 15.91 21.14 -5.00
N ASP A 81 15.05 21.93 -5.64
CA ASP A 81 14.99 23.37 -5.38
C ASP A 81 14.51 23.77 -3.99
N GLY A 82 13.84 22.87 -3.29
CA GLY A 82 13.37 23.21 -1.95
C GLY A 82 14.50 23.56 -0.99
N LYS A 83 14.35 24.70 -0.30
CA LYS A 83 15.32 25.15 0.70
C LYS A 83 14.80 24.59 2.02
N ARG A 84 15.56 23.69 2.62
CA ARG A 84 15.12 23.03 3.85
C ARG A 84 16.03 23.20 5.05
N GLN A 85 15.43 23.01 6.23
CA GLN A 85 16.15 23.12 7.50
C GLN A 85 15.26 22.49 8.57
N ILE A 86 15.68 21.35 9.10
CA ILE A 86 14.92 20.65 10.12
C ILE A 86 15.44 20.98 11.52
N SER A 87 14.57 20.85 12.51
CA SER A 87 14.93 21.09 13.89
C SER A 87 14.02 20.29 14.82
N ALA A 88 14.50 20.04 16.03
CA ALA A 88 13.73 19.30 17.01
C ALA A 88 12.74 20.21 17.69
N ALA A 89 11.80 19.63 18.42
CA ALA A 89 10.82 20.44 19.13
C ALA A 89 11.53 21.02 20.35
N SER A 90 10.90 22.05 20.92
CA SER A 90 11.45 22.71 22.10
C SER A 90 11.48 21.79 23.31
N ASP A 91 10.50 20.90 23.40
CA ASP A 91 10.39 19.98 24.52
C ASP A 91 10.64 18.54 24.15
N SER A 92 11.26 18.31 22.99
CA SER A 92 11.52 16.96 22.56
C SER A 92 12.53 16.80 21.44
N PRO A 93 13.33 15.73 21.50
CA PRO A 93 14.32 15.49 20.45
C PRO A 93 13.58 14.92 19.25
N ILE A 94 14.31 14.73 18.16
CA ILE A 94 13.70 14.17 16.96
C ILE A 94 14.73 13.29 16.26
N GLY A 95 14.28 12.12 15.80
CA GLY A 95 15.14 11.18 15.10
C GLY A 95 14.58 10.96 13.71
N PHE A 96 15.44 11.05 12.70
CA PHE A 96 14.97 10.93 11.32
C PHE A 96 15.95 10.35 10.33
N LEU A 97 15.41 9.97 9.17
CA LEU A 97 16.15 9.41 8.06
C LEU A 97 16.07 10.38 6.88
N CYS A 98 17.18 10.51 6.17
CA CYS A 98 17.29 11.35 4.98
C CYS A 98 17.80 10.48 3.84
N ILE A 99 16.92 10.14 2.92
CA ILE A 99 17.26 9.32 1.78
C ILE A 99 17.49 10.25 0.60
N GLN A 100 18.70 10.22 0.08
CA GLN A 100 19.11 11.05 -1.04
C GLN A 100 19.19 10.19 -2.30
N VAL A 101 18.43 10.56 -3.34
CA VAL A 101 18.44 9.84 -4.61
C VAL A 101 18.34 10.81 -5.78
N LYS A 102 18.93 10.44 -6.91
CA LYS A 102 18.89 11.31 -8.09
C LYS A 102 17.46 11.42 -8.59
N ALA A 103 16.96 12.65 -8.61
CA ALA A 103 15.60 12.94 -9.03
C ALA A 103 15.35 12.44 -10.46
N GLY A 104 14.21 11.79 -10.67
CA GLY A 104 13.84 11.29 -11.98
C GLY A 104 14.63 10.10 -12.48
N SER A 105 15.47 9.52 -11.62
CA SER A 105 16.29 8.38 -12.03
C SER A 105 15.55 7.04 -11.96
N LEU A 106 14.50 6.97 -11.15
CA LEU A 106 13.76 5.72 -11.03
C LEU A 106 12.97 5.38 -12.29
N GLU A 107 13.06 4.13 -12.72
CA GLU A 107 12.34 3.66 -13.88
C GLU A 107 11.32 2.63 -13.41
N GLY A 108 11.56 1.36 -13.71
CA GLY A 108 10.64 0.33 -13.27
C GLY A 108 10.84 0.09 -11.77
N TYR A 109 9.83 -0.44 -11.11
CA TYR A 109 9.93 -0.73 -9.69
C TYR A 109 8.81 -1.67 -9.26
N THR A 110 9.09 -2.49 -8.26
CA THR A 110 8.13 -3.46 -7.74
C THR A 110 7.64 -4.34 -8.90
N THR A 112 7.21 -3.71 -11.97
CA THR A 112 7.99 -3.56 -13.19
C THR A 112 9.50 -3.70 -13.00
N ASP A 113 9.93 -4.35 -11.92
CA ASP A 113 11.36 -4.57 -11.69
C ASP A 113 11.68 -5.80 -10.84
N GLY A 114 10.73 -6.22 -10.02
CA GLY A 114 10.97 -7.40 -9.20
C GLY A 114 10.79 -8.68 -10.00
N VAL A 115 11.55 -9.72 -9.65
CA VAL A 115 11.47 -10.99 -10.34
C VAL A 115 11.28 -12.11 -9.32
N VAL A 116 10.13 -12.79 -9.40
CA VAL A 116 9.82 -13.88 -8.49
C VAL A 116 10.59 -15.13 -8.88
N GLN A 117 11.09 -15.88 -7.91
CA GLN A 117 11.82 -17.10 -8.22
C GLN A 117 10.89 -18.32 -8.27
N LEU A 118 11.46 -19.51 -8.38
CA LEU A 118 10.66 -20.73 -8.40
C LEU A 118 11.10 -21.70 -7.32
N LYS B 2 4.33 23.61 -4.68
CA LYS B 2 5.20 23.40 -3.53
C LYS B 2 6.37 22.51 -3.89
N ASN B 3 7.49 22.70 -3.20
CA ASN B 3 8.67 21.89 -3.45
C ASN B 3 8.70 20.67 -2.54
N TYR B 4 7.56 20.31 -1.98
CA TYR B 4 7.50 19.16 -1.08
C TYR B 4 6.08 18.60 -0.96
N GLN B 5 6.00 17.38 -0.43
CA GLN B 5 4.74 16.68 -0.18
C GLN B 5 4.94 15.95 1.14
N LYS B 6 3.88 15.88 1.94
CA LYS B 6 3.95 15.24 3.24
C LYS B 6 2.75 14.33 3.49
N SER B 8 1.25 11.22 6.72
CA SER B 8 1.49 10.56 7.99
C SER B 8 1.14 9.10 7.86
N VAL B 9 1.93 8.25 8.51
CA VAL B 9 1.71 6.82 8.49
C VAL B 9 1.51 6.29 9.89
N ALA B 10 0.45 5.53 10.10
CA ALA B 10 0.16 4.93 11.41
C ALA B 10 1.33 4.04 11.82
N GLN B 11 1.50 3.85 13.13
CA GLN B 11 2.58 3.03 13.68
C GLN B 11 2.71 1.64 13.07
N ASP B 12 1.56 1.00 12.83
CA ASP B 12 1.56 -0.35 12.27
C ASP B 12 0.86 -0.41 10.91
N ALA B 13 1.02 0.63 10.11
CA ALA B 13 0.39 0.63 8.79
C ALA B 13 1.37 0.17 7.72
N ARG B 14 0.84 -0.54 6.72
CA ARG B 14 1.63 -1.05 5.60
C ARG B 14 1.27 -0.23 4.37
N VAL B 15 2.23 0.53 3.87
CA VAL B 15 1.98 1.36 2.70
C VAL B 15 3.23 1.56 1.86
N GLU B 16 3.02 2.06 0.65
CA GLU B 16 4.10 2.36 -0.28
C GLU B 16 4.00 3.86 -0.49
N LEU B 17 5.14 4.52 -0.55
CA LEU B 17 5.19 5.97 -0.69
C LEU B 17 5.33 6.56 -2.08
N HIS B 18 5.75 5.76 -3.06
CA HIS B 18 5.95 6.31 -4.41
C HIS B 18 4.80 7.14 -4.96
N ASP B 19 3.62 6.54 -5.10
CA ASP B 19 2.50 7.30 -5.64
C ASP B 19 1.93 8.37 -4.70
N SER B 20 1.84 8.07 -3.42
CA SER B 20 1.30 9.02 -2.45
C SER B 20 2.16 10.28 -2.29
N LEU B 21 3.48 10.15 -2.45
CA LEU B 21 4.36 11.31 -2.32
C LEU B 21 4.91 11.75 -3.67
N ALA B 22 4.52 11.04 -4.72
CA ALA B 22 4.98 11.33 -6.08
C ALA B 22 6.51 11.30 -6.14
N LEU B 23 7.10 10.23 -5.62
CA LEU B 23 8.56 10.09 -5.64
C LEU B 23 9.02 9.89 -7.08
N THR B 24 10.24 10.33 -7.39
CA THR B 24 10.76 10.17 -8.74
C THR B 24 12.12 9.47 -8.72
N GLY B 25 12.68 9.32 -7.52
CA GLY B 25 13.99 8.69 -7.41
C GLY B 25 14.00 7.39 -6.65
N ALA B 26 12.85 6.99 -6.13
CA ALA B 26 12.78 5.76 -5.38
C ALA B 26 11.36 5.35 -5.04
N GLU B 27 11.25 4.17 -4.45
CA GLU B 27 9.98 3.66 -3.96
C GLU B 27 10.35 3.28 -2.55
N VAL B 28 9.49 3.60 -1.60
CA VAL B 28 9.73 3.28 -0.20
C VAL B 28 8.52 2.54 0.33
N SER B 29 8.73 1.33 0.83
CA SER B 29 7.64 0.58 1.39
C SER B 29 7.87 0.32 2.88
N ILE B 30 6.83 0.56 3.66
CA ILE B 30 6.89 0.36 5.10
C ILE B 30 6.04 -0.87 5.37
N ASN B 31 6.62 -1.88 6.00
CA ASN B 31 5.87 -3.10 6.27
C ASN B 31 6.29 -3.73 7.58
N HIS B 32 5.56 -4.75 7.98
CA HIS B 32 5.87 -5.49 9.19
C HIS B 32 5.12 -6.80 9.21
N LEU B 33 5.77 -7.81 9.76
CA LEU B 33 5.20 -9.14 9.80
C LEU B 33 5.01 -9.57 11.25
N PRO B 34 3.88 -10.24 11.53
CA PRO B 34 3.63 -10.70 12.90
C PRO B 34 4.56 -11.88 13.17
N ALA B 35 4.74 -12.22 14.44
CA ALA B 35 5.61 -13.32 14.84
C ALA B 35 5.30 -14.59 14.04
N GLY B 36 6.36 -15.28 13.61
CA GLY B 36 6.17 -16.52 12.86
C GLY B 36 5.74 -16.38 11.40
N ALA B 37 5.60 -15.15 10.93
CA ALA B 37 5.19 -14.94 9.55
C ALA B 37 6.35 -14.42 8.70
N GLY B 38 6.16 -14.41 7.38
CA GLY B 38 7.19 -13.94 6.50
C GLY B 38 6.69 -13.79 5.07
N VAL B 39 7.46 -13.10 4.24
CA VAL B 39 7.07 -12.93 2.85
C VAL B 39 6.98 -14.33 2.26
N PRO B 40 5.83 -14.69 1.69
CA PRO B 40 5.58 -16.00 1.09
C PRO B 40 6.33 -16.35 -0.20
N PHE B 41 7.24 -15.49 -0.63
CA PHE B 41 7.97 -15.77 -1.86
C PHE B 41 9.37 -15.17 -1.84
N VAL B 42 10.19 -15.61 -2.79
CA VAL B 42 11.55 -15.15 -2.94
C VAL B 42 11.65 -14.31 -4.20
N HIS B 43 12.43 -13.24 -4.16
CA HIS B 43 12.56 -12.42 -5.35
C HIS B 43 13.88 -11.68 -5.47
N SER B 44 14.16 -11.28 -6.70
CA SER B 44 15.35 -10.51 -7.00
C SER B 44 14.85 -9.33 -7.82
N HIS B 45 15.78 -8.53 -8.32
CA HIS B 45 15.44 -7.35 -9.11
C HIS B 45 16.24 -7.28 -10.40
N LYS B 46 15.65 -6.64 -11.41
CA LYS B 46 16.32 -6.51 -12.69
C LYS B 46 17.37 -5.41 -12.68
N GLN B 47 17.03 -4.24 -12.14
CA GLN B 47 17.99 -3.15 -12.11
C GLN B 47 17.96 -2.29 -10.85
N ASN B 48 17.07 -2.61 -9.92
CA ASN B 48 16.99 -1.83 -8.69
C ASN B 48 17.76 -2.41 -7.50
N GLU B 49 18.53 -1.53 -6.87
CA GLU B 49 19.28 -1.87 -5.68
C GLU B 49 18.23 -1.74 -4.59
N GLU B 50 18.35 -2.52 -3.53
CA GLU B 50 17.38 -2.44 -2.45
C GLU B 50 18.08 -2.24 -1.11
N ILE B 51 17.56 -1.32 -0.31
CA ILE B 51 18.13 -1.01 0.99
C ILE B 51 17.08 -1.34 2.05
N TYR B 52 17.44 -2.22 2.98
CA TYR B 52 16.52 -2.61 4.03
C TYR B 52 16.94 -1.99 5.36
N GLY B 53 15.96 -1.49 6.09
CA GLY B 53 16.22 -0.91 7.39
C GLY B 53 15.23 -1.50 8.36
N ILE B 54 15.71 -2.20 9.39
CA ILE B 54 14.81 -2.79 10.37
C ILE B 54 14.52 -1.74 11.44
N LEU B 55 13.27 -1.33 11.50
CA LEU B 55 12.85 -0.31 12.46
C LEU B 55 12.50 -0.86 13.82
N SER B 56 12.01 -2.09 13.87
CA SER B 56 11.61 -2.67 15.14
C SER B 56 11.57 -4.19 15.11
N GLY B 57 11.49 -4.78 16.30
CA GLY B 57 11.42 -6.21 16.41
C GLY B 57 12.69 -6.92 15.98
N LYS B 58 12.53 -8.16 15.50
CA LYS B 58 13.65 -8.96 15.08
C LYS B 58 13.17 -10.06 14.15
N GLY B 59 14.10 -10.65 13.41
CA GLY B 59 13.74 -11.72 12.50
C GLY B 59 14.92 -12.21 11.69
N PHE B 60 14.66 -12.62 10.46
CA PHE B 60 15.69 -13.14 9.58
C PHE B 60 15.42 -12.76 8.14
N ILE B 61 16.46 -12.80 7.32
CA ILE B 61 16.30 -12.55 5.91
C ILE B 61 17.23 -13.54 5.21
N THR B 62 16.68 -14.28 4.26
CA THR B 62 17.49 -15.26 3.54
C THR B 62 17.90 -14.65 2.21
N ILE B 63 19.21 -14.56 1.99
CA ILE B 63 19.73 -14.01 0.75
C ILE B 63 20.59 -15.06 0.06
N ASP B 64 20.15 -15.51 -1.11
CA ASP B 64 20.86 -16.53 -1.87
C ASP B 64 21.20 -17.77 -1.00
N GLY B 65 20.20 -18.32 -0.33
CA GLY B 65 20.39 -19.51 0.49
C GLY B 65 20.97 -19.26 1.87
N GLU B 66 21.50 -18.07 2.10
CA GLU B 66 22.08 -17.76 3.41
C GLU B 66 21.11 -16.92 4.25
N LYS B 67 20.78 -17.39 5.45
CA LYS B 67 19.87 -16.63 6.27
C LYS B 67 20.62 -15.79 7.29
N ILE B 68 20.29 -14.50 7.32
CA ILE B 68 20.95 -13.55 8.21
C ILE B 68 19.98 -13.10 9.30
N GLU B 69 20.45 -13.10 10.53
CA GLU B 69 19.63 -12.67 11.64
C GLU B 69 19.47 -11.15 11.57
N LEU B 70 18.28 -10.68 11.94
CA LEU B 70 17.98 -9.26 11.91
C LEU B 70 17.39 -8.76 13.23
N GLN B 71 17.68 -7.51 13.56
CA GLN B 71 17.14 -6.87 14.75
C GLN B 71 17.08 -5.37 14.50
N ALA B 72 16.26 -4.68 15.29
CA ALA B 72 16.12 -3.24 15.16
C ALA B 72 17.51 -2.60 15.05
N GLY B 73 17.66 -1.67 14.10
CA GLY B 73 18.94 -1.01 13.92
C GLY B 73 19.79 -1.58 12.80
N ASP B 74 19.41 -2.74 12.28
CA ASP B 74 20.16 -3.36 11.19
C ASP B 74 19.80 -2.76 9.83
N TRP B 75 20.82 -2.52 9.01
CA TRP B 75 20.63 -1.96 7.67
C TRP B 75 21.37 -2.80 6.66
N LEU B 76 20.76 -3.06 5.51
CA LEU B 76 21.38 -3.88 4.49
C LEU B 76 21.21 -3.34 3.09
N ARG B 77 22.18 -3.64 2.25
CA ARG B 77 22.13 -3.27 0.85
C ARG B 77 22.03 -4.62 0.16
N ILE B 78 21.17 -4.73 -0.84
CA ILE B 78 21.07 -5.98 -1.56
C ILE B 78 21.18 -5.67 -3.04
N ALA B 79 22.14 -6.31 -3.69
CA ALA B 79 22.32 -6.11 -5.12
C ALA B 79 21.14 -6.74 -5.85
N PRO B 80 20.85 -6.27 -7.07
CA PRO B 80 19.75 -6.77 -7.90
C PRO B 80 19.65 -8.28 -8.00
N ASP B 81 20.77 -8.95 -8.27
CA ASP B 81 20.78 -10.40 -8.41
C ASP B 81 20.48 -11.18 -7.14
N GLY B 82 20.62 -10.53 -5.99
CA GLY B 82 20.35 -11.24 -4.74
C GLY B 82 18.91 -11.74 -4.63
N LYS B 83 18.76 -13.01 -4.29
CA LYS B 83 17.45 -13.62 -4.11
C LYS B 83 17.16 -13.48 -2.63
N ARG B 84 16.12 -12.71 -2.30
CA ARG B 84 15.80 -12.42 -0.90
C ARG B 84 14.41 -12.82 -0.44
N GLN B 85 14.28 -12.99 0.86
CA GLN B 85 13.03 -13.35 1.50
C GLN B 85 13.16 -13.09 3.00
N ILE B 86 12.43 -12.10 3.49
CA ILE B 86 12.49 -11.74 4.90
C ILE B 86 11.35 -12.37 5.68
N SER B 87 11.55 -12.56 6.98
CA SER B 87 10.53 -13.13 7.84
C SER B 87 10.75 -12.66 9.27
N ALA B 88 9.69 -12.71 10.07
CA ALA B 88 9.78 -12.28 11.46
C ALA B 88 10.33 -13.42 12.29
N ALA B 89 10.69 -13.11 13.54
CA ALA B 89 11.21 -14.13 14.43
C ALA B 89 10.02 -14.96 14.90
N SER B 90 10.32 -16.13 15.43
CA SER B 90 9.29 -17.03 15.92
C SER B 90 8.55 -16.46 17.12
N ASP B 91 9.27 -15.69 17.94
CA ASP B 91 8.69 -15.11 19.15
C ASP B 91 8.58 -13.59 19.07
N SER B 92 8.64 -13.03 17.87
CA SER B 92 8.56 -11.59 17.73
C SER B 92 8.27 -11.08 16.32
N PRO B 93 7.50 -10.00 16.22
CA PRO B 93 7.19 -9.44 14.91
C PRO B 93 8.40 -8.64 14.46
N ILE B 94 8.35 -8.12 13.24
CA ILE B 94 9.44 -7.32 12.73
C ILE B 94 8.88 -6.21 11.84
N GLY B 95 9.42 -5.00 12.01
CA GLY B 95 8.99 -3.85 11.23
C GLY B 95 10.18 -3.34 10.45
N PHE B 96 9.99 -3.11 9.15
CA PHE B 96 11.10 -2.67 8.33
C PHE B 96 10.75 -1.79 7.14
N LEU B 97 11.79 -1.14 6.61
CA LEU B 97 11.69 -0.28 5.44
C LEU B 97 12.44 -0.93 4.28
N CYS B 98 11.89 -0.77 3.08
CA CYS B 98 12.49 -1.28 1.86
C CYS B 98 12.59 -0.11 0.90
N ILE B 99 13.81 0.38 0.68
CA ILE B 99 14.05 1.49 -0.23
C ILE B 99 14.56 0.91 -1.55
N GLN B 100 13.78 1.16 -2.59
CA GLN B 100 14.10 0.67 -3.92
C GLN B 100 14.62 1.83 -4.78
N VAL B 101 15.84 1.68 -5.31
CA VAL B 101 16.45 2.70 -6.15
C VAL B 101 17.21 2.05 -7.30
N LYS B 102 17.29 2.74 -8.44
CA LYS B 102 18.00 2.19 -9.58
C LYS B 102 19.49 2.09 -9.26
N ALA B 103 20.02 0.88 -9.32
CA ALA B 103 21.43 0.63 -9.04
C ALA B 103 22.35 1.45 -9.95
N GLY B 104 23.39 2.03 -9.36
CA GLY B 104 24.35 2.83 -10.11
C GLY B 104 23.84 4.17 -10.61
N SER B 105 22.64 4.57 -10.21
CA SER B 105 22.07 5.83 -10.68
C SER B 105 22.56 7.05 -9.89
N LEU B 106 23.01 6.85 -8.67
CA LEU B 106 23.49 7.96 -7.86
C LEU B 106 24.80 8.56 -8.38
N GLU B 107 24.84 9.89 -8.46
CA GLU B 107 26.05 10.57 -8.90
C GLU B 107 26.58 11.38 -7.72
N GLY B 108 26.45 12.69 -7.78
CA GLY B 108 26.92 13.50 -6.66
C GLY B 108 25.94 13.37 -5.50
N TYR B 109 26.41 13.64 -4.30
CA TYR B 109 25.54 13.56 -3.12
C TYR B 109 26.21 14.28 -1.95
N THR B 110 25.38 14.85 -1.08
CA THR B 110 25.86 15.59 0.10
C THR B 110 26.82 16.69 -0.34
N THR B 112 28.85 16.81 -2.77
CA THR B 112 28.83 17.03 -4.20
C THR B 112 27.44 17.23 -4.83
N ASP B 113 26.45 17.60 -4.01
CA ASP B 113 25.10 17.87 -4.52
C ASP B 113 24.30 18.87 -3.68
N GLY B 114 24.63 18.99 -2.40
CA GLY B 114 23.93 19.94 -1.55
C GLY B 114 24.40 21.36 -1.81
N VAL B 115 23.49 22.32 -1.64
CA VAL B 115 23.83 23.73 -1.83
C VAL B 115 23.38 24.52 -0.62
N VAL B 116 24.33 25.12 0.07
CA VAL B 116 24.05 25.91 1.26
C VAL B 116 23.50 27.27 0.86
N GLN B 117 22.51 27.74 1.61
CA GLN B 117 21.91 29.03 1.32
C GLN B 117 22.40 30.08 2.32
N LEU B 118 22.97 31.16 1.83
CA LEU B 118 23.45 32.22 2.71
C LEU B 118 22.32 33.10 3.24
N LYS C 2 -11.13 -12.89 17.59
CA LYS C 2 -12.19 -12.23 16.84
C LYS C 2 -12.35 -12.80 15.45
N ASN C 3 -13.60 -12.83 14.99
CA ASN C 3 -13.93 -13.34 13.66
C ASN C 3 -13.93 -12.23 12.62
N TYR C 4 -13.25 -11.13 12.93
CA TYR C 4 -13.20 -10.00 12.00
C TYR C 4 -12.00 -9.09 12.28
N GLN C 5 -11.70 -8.24 11.31
CA GLN C 5 -10.63 -7.24 11.39
C GLN C 5 -11.16 -6.01 10.68
N LYS C 6 -10.84 -4.84 11.20
CA LYS C 6 -11.30 -3.58 10.63
C LYS C 6 -10.18 -2.55 10.51
N SER C 8 -9.51 1.76 8.71
CA SER C 8 -10.08 2.92 8.05
C SER C 8 -9.11 3.43 7.00
N VAL C 9 -9.66 3.85 5.87
CA VAL C 9 -8.85 4.35 4.77
C VAL C 9 -9.24 5.79 4.45
N ALA C 10 -8.26 6.67 4.38
CA ALA C 10 -8.51 8.08 4.04
C ALA C 10 -9.16 8.16 2.67
N GLN C 11 -9.92 9.22 2.44
CA GLN C 11 -10.63 9.44 1.18
C GLN C 11 -9.77 9.30 -0.07
N ASP C 12 -8.54 9.82 -0.01
CA ASP C 12 -7.64 9.75 -1.15
C ASP C 12 -6.37 8.95 -0.85
N ALA C 13 -6.50 7.88 -0.07
CA ALA C 13 -5.34 7.06 0.26
C ALA C 13 -5.25 5.85 -0.67
N ARG C 14 -4.02 5.48 -1.00
CA ARG C 14 -3.75 4.33 -1.87
C ARG C 14 -3.18 3.22 -1.00
N VAL C 15 -3.93 2.14 -0.87
CA VAL C 15 -3.48 1.02 -0.05
C VAL C 15 -4.00 -0.32 -0.56
N GLU C 16 -3.41 -1.39 -0.05
CA GLU C 16 -3.80 -2.74 -0.38
C GLU C 16 -4.28 -3.33 0.94
N LEU C 17 -5.37 -4.10 0.88
CA LEU C 17 -5.96 -4.66 2.07
C LEU C 17 -5.55 -6.08 2.48
N HIS C 18 -4.97 -6.86 1.57
CA HIS C 18 -4.61 -8.23 1.92
C HIS C 18 -3.86 -8.41 3.23
N ASP C 19 -2.68 -7.81 3.36
CA ASP C 19 -1.91 -7.98 4.58
C ASP C 19 -2.50 -7.27 5.80
N SER C 20 -3.01 -6.05 5.61
CA SER C 20 -3.58 -5.29 6.70
C SER C 20 -4.83 -5.92 7.32
N LEU C 21 -5.61 -6.61 6.51
CA LEU C 21 -6.84 -7.26 7.01
C LEU C 21 -6.68 -8.76 7.08
N ALA C 22 -5.52 -9.26 6.67
CA ALA C 22 -5.25 -10.69 6.66
C ALA C 22 -6.28 -11.43 5.81
N LEU C 23 -6.51 -10.95 4.60
CA LEU C 23 -7.47 -11.59 3.70
C LEU C 23 -6.92 -12.95 3.26
N THR C 24 -7.81 -13.90 3.00
CA THR C 24 -7.38 -15.22 2.56
C THR C 24 -8.07 -15.61 1.25
N GLY C 25 -9.04 -14.81 0.84
CA GLY C 25 -9.75 -15.12 -0.39
C GLY C 25 -9.61 -14.09 -1.50
N ALA C 26 -8.88 -13.01 -1.21
CA ALA C 26 -8.71 -11.98 -2.21
C ALA C 26 -7.71 -10.93 -1.80
N GLU C 27 -7.41 -10.04 -2.73
CA GLU C 27 -6.56 -8.90 -2.47
C GLU C 27 -7.44 -7.77 -2.98
N VAL C 28 -7.48 -6.68 -2.23
CA VAL C 28 -8.28 -5.52 -2.60
C VAL C 28 -7.39 -4.28 -2.58
N SER C 29 -7.27 -3.61 -3.71
CA SER C 29 -6.45 -2.42 -3.75
C SER C 29 -7.31 -1.21 -4.06
N ILE C 30 -7.11 -0.14 -3.30
CA ILE C 30 -7.84 1.09 -3.49
C ILE C 30 -6.84 2.08 -4.08
N ASN C 31 -7.16 2.65 -5.23
CA ASN C 31 -6.23 3.58 -5.86
C ASN C 31 -6.96 4.68 -6.60
N HIS C 32 -6.20 5.66 -7.08
CA HIS C 32 -6.77 6.75 -7.84
C HIS C 32 -5.66 7.50 -8.54
N LEU C 33 -5.96 7.96 -9.74
CA LEU C 33 -5.00 8.66 -10.56
C LEU C 33 -5.46 10.08 -10.80
N PRO C 34 -4.52 11.04 -10.77
CA PRO C 34 -4.89 12.44 -11.01
C PRO C 34 -5.18 12.59 -12.49
N ALA C 35 -5.87 13.68 -12.86
CA ALA C 35 -6.20 13.93 -14.25
C ALA C 35 -4.99 13.79 -15.17
N GLY C 36 -5.19 13.16 -16.32
CA GLY C 36 -4.11 12.99 -17.28
C GLY C 36 -3.08 11.93 -16.95
N ALA C 37 -3.26 11.23 -15.84
CA ALA C 37 -2.31 10.20 -15.46
C ALA C 37 -2.90 8.81 -15.64
N GLY C 38 -2.04 7.79 -15.57
CA GLY C 38 -2.51 6.42 -15.72
C GLY C 38 -1.43 5.42 -15.35
N VAL C 39 -1.83 4.16 -15.17
CA VAL C 39 -0.87 3.11 -14.84
C VAL C 39 0.14 3.08 -16.00
N PRO C 40 1.43 3.24 -15.68
CA PRO C 40 2.51 3.24 -16.68
C PRO C 40 2.83 1.93 -17.37
N PHE C 41 2.05 0.89 -17.13
CA PHE C 41 2.32 -0.39 -17.77
C PHE C 41 1.05 -1.19 -18.02
N VAL C 42 1.18 -2.23 -18.84
CA VAL C 42 0.07 -3.10 -19.19
C VAL C 42 0.33 -4.45 -18.53
N HIS C 43 -0.73 -5.10 -18.04
CA HIS C 43 -0.52 -6.42 -17.44
C HIS C 43 -1.73 -7.33 -17.52
N SER C 44 -1.45 -8.61 -17.35
CA SER C 44 -2.47 -9.64 -17.36
C SER C 44 -2.19 -10.46 -16.11
N HIS C 45 -2.95 -11.54 -15.91
CA HIS C 45 -2.79 -12.39 -14.75
C HIS C 45 -2.67 -13.86 -15.13
N LYS C 46 -2.00 -14.64 -14.29
CA LYS C 46 -1.83 -16.05 -14.55
C LYS C 46 -3.07 -16.85 -14.19
N GLN C 47 -3.63 -16.60 -13.01
CA GLN C 47 -4.82 -17.34 -12.61
C GLN C 47 -5.87 -16.53 -11.87
N ASN C 48 -5.60 -15.24 -11.63
CA ASN C 48 -6.56 -14.41 -10.93
C ASN C 48 -7.50 -13.59 -11.79
N GLU C 49 -8.78 -13.69 -11.48
CA GLU C 49 -9.81 -12.92 -12.15
C GLU C 49 -9.72 -11.56 -11.45
N GLU C 50 -10.04 -10.49 -12.16
CA GLU C 50 -9.97 -9.18 -11.56
C GLU C 50 -11.28 -8.43 -11.75
N ILE C 51 -11.75 -7.80 -10.68
CA ILE C 51 -12.99 -7.06 -10.72
C ILE C 51 -12.68 -5.60 -10.42
N TYR C 52 -13.05 -4.73 -11.34
CA TYR C 52 -12.81 -3.30 -11.16
C TYR C 52 -14.10 -2.56 -10.85
N GLY C 53 -14.03 -1.65 -9.89
CA GLY C 53 -15.19 -0.86 -9.53
C GLY C 53 -14.74 0.60 -9.49
N ILE C 54 -15.34 1.44 -10.32
CA ILE C 54 -14.97 2.85 -10.32
C ILE C 54 -15.81 3.56 -9.27
N LEU C 55 -15.14 4.06 -8.24
CA LEU C 55 -15.81 4.75 -7.15
C LEU C 55 -16.06 6.22 -7.40
N SER C 56 -15.20 6.85 -8.18
CA SER C 56 -15.36 8.27 -8.44
C SER C 56 -14.63 8.72 -9.70
N GLY C 57 -14.95 9.93 -10.15
CA GLY C 57 -14.31 10.48 -11.32
C GLY C 57 -14.67 9.75 -12.59
N LYS C 58 -13.76 9.81 -13.56
CA LYS C 58 -13.97 9.17 -14.84
C LYS C 58 -12.64 8.95 -15.53
N GLY C 59 -12.64 8.09 -16.54
CA GLY C 59 -11.43 7.80 -17.25
C GLY C 59 -11.61 6.73 -18.31
N PHE C 60 -10.56 5.95 -18.54
CA PHE C 60 -10.59 4.91 -19.55
C PHE C 60 -9.77 3.70 -19.09
N ILE C 61 -10.05 2.55 -19.69
CA ILE C 61 -9.27 1.36 -19.41
C ILE C 61 -9.13 0.67 -20.75
N THR C 62 -7.90 0.31 -21.10
CA THR C 62 -7.66 -0.36 -22.36
C THR C 62 -7.48 -1.83 -22.09
N ILE C 63 -8.33 -2.64 -22.73
CA ILE C 63 -8.27 -4.08 -22.56
C ILE C 63 -8.05 -4.72 -23.91
N ASP C 64 -6.89 -5.37 -24.07
CA ASP C 64 -6.54 -6.02 -25.32
C ASP C 64 -6.69 -5.09 -26.54
N GLY C 65 -6.10 -3.90 -26.45
CA GLY C 65 -6.16 -2.95 -27.54
C GLY C 65 -7.42 -2.11 -27.63
N GLU C 66 -8.47 -2.51 -26.91
CA GLU C 66 -9.73 -1.78 -26.94
C GLU C 66 -9.87 -0.90 -25.71
N LYS C 67 -10.07 0.40 -25.91
CA LYS C 67 -10.22 1.28 -24.77
C LYS C 67 -11.69 1.53 -24.44
N ILE C 68 -12.03 1.32 -23.18
CA ILE C 68 -13.40 1.49 -22.72
C ILE C 68 -13.50 2.70 -21.81
N GLU C 69 -14.52 3.52 -22.05
CA GLU C 69 -14.73 4.70 -21.22
C GLU C 69 -15.24 4.26 -19.86
N LEU C 70 -14.81 4.97 -18.82
CA LEU C 70 -15.21 4.66 -17.46
C LEU C 70 -15.72 5.88 -16.70
N GLN C 71 -16.66 5.64 -15.80
CA GLN C 71 -17.20 6.70 -14.96
C GLN C 71 -17.69 6.07 -13.67
N ALA C 72 -17.85 6.89 -12.63
CA ALA C 72 -18.31 6.40 -11.34
C ALA C 72 -19.51 5.49 -11.53
N GLY C 73 -19.52 4.35 -10.85
CA GLY C 73 -20.62 3.42 -10.96
C GLY C 73 -20.37 2.27 -11.92
N ASP C 74 -19.29 2.34 -12.70
CA ASP C 74 -18.97 1.28 -13.65
C ASP C 74 -18.23 0.12 -12.96
N TRP C 75 -18.62 -1.11 -13.31
CA TRP C 75 -17.99 -2.30 -12.76
C TRP C 75 -17.61 -3.25 -13.88
N LEU C 76 -16.42 -3.82 -13.79
CA LEU C 76 -15.96 -4.74 -14.83
C LEU C 76 -15.33 -6.00 -14.28
N ARG C 77 -15.42 -7.05 -15.07
CA ARG C 77 -14.78 -8.31 -14.76
C ARG C 77 -13.73 -8.44 -15.85
N ILE C 78 -12.53 -8.87 -15.49
CA ILE C 78 -11.50 -9.03 -16.51
C ILE C 78 -10.92 -10.42 -16.33
N ALA C 79 -10.94 -11.21 -17.39
CA ALA C 79 -10.39 -12.55 -17.32
C ALA C 79 -8.88 -12.45 -17.24
N PRO C 80 -8.23 -13.47 -16.70
CA PRO C 80 -6.77 -13.52 -16.55
C PRO C 80 -5.98 -13.10 -17.78
N ASP C 81 -6.33 -13.64 -18.95
CA ASP C 81 -5.62 -13.33 -20.18
C ASP C 81 -5.75 -11.89 -20.66
N GLY C 82 -6.75 -11.17 -20.18
CA GLY C 82 -6.92 -9.80 -20.60
C GLY C 82 -5.74 -8.90 -20.27
N LYS C 83 -5.25 -8.16 -21.25
CA LYS C 83 -4.15 -7.22 -21.06
C LYS C 83 -4.82 -5.89 -20.77
N ARG C 84 -4.62 -5.39 -19.56
CA ARG C 84 -5.27 -4.15 -19.14
C ARG C 84 -4.35 -3.02 -18.73
N GLN C 85 -4.90 -1.81 -18.78
CA GLN C 85 -4.19 -0.60 -18.40
C GLN C 85 -5.21 0.52 -18.23
N ILE C 86 -5.40 0.96 -17.00
CA ILE C 86 -6.38 2.01 -16.71
C ILE C 86 -5.71 3.38 -16.61
N SER C 87 -6.47 4.42 -16.87
CA SER C 87 -5.97 5.79 -16.80
C SER C 87 -7.11 6.74 -16.50
N ALA C 88 -6.77 7.91 -15.95
CA ALA C 88 -7.77 8.91 -15.62
C ALA C 88 -8.15 9.69 -16.88
N ALA C 89 -9.19 10.49 -16.79
CA ALA C 89 -9.61 11.29 -17.92
C ALA C 89 -8.65 12.49 -17.98
N SER C 90 -8.63 13.15 -19.13
CA SER C 90 -7.77 14.29 -19.34
C SER C 90 -8.16 15.48 -18.44
N ASP C 91 -9.44 15.59 -18.16
CA ASP C 91 -9.95 16.69 -17.35
C ASP C 91 -10.50 16.23 -16.01
N SER C 92 -10.14 15.02 -15.59
CA SER C 92 -10.64 14.51 -14.33
C SER C 92 -9.88 13.30 -13.77
N PRO C 93 -9.76 13.24 -12.43
CA PRO C 93 -9.07 12.12 -11.80
C PRO C 93 -10.05 10.96 -11.79
N ILE C 94 -9.58 9.80 -11.34
CA ILE C 94 -10.43 8.63 -11.25
C ILE C 94 -10.03 7.81 -10.03
N GLY C 95 -11.05 7.35 -9.29
CA GLY C 95 -10.82 6.55 -8.09
C GLY C 95 -11.47 5.20 -8.30
N PHE C 96 -10.74 4.12 -8.02
CA PHE C 96 -11.26 2.78 -8.26
C PHE C 96 -10.75 1.68 -7.35
N LEU C 97 -11.49 0.57 -7.37
CA LEU C 97 -11.17 -0.62 -6.60
C LEU C 97 -10.79 -1.73 -7.56
N CYS C 98 -9.82 -2.54 -7.15
CA CYS C 98 -9.35 -3.69 -7.92
C CYS C 98 -9.40 -4.89 -6.99
N ILE C 99 -10.38 -5.77 -7.22
CA ILE C 99 -10.54 -6.97 -6.42
C ILE C 99 -9.93 -8.13 -7.20
N GLN C 100 -8.93 -8.75 -6.58
CA GLN C 100 -8.21 -9.85 -7.19
C GLN C 100 -8.62 -11.15 -6.51
N VAL C 101 -9.13 -12.10 -7.29
CA VAL C 101 -9.56 -13.40 -6.76
C VAL C 101 -9.18 -14.51 -7.73
N LYS C 102 -8.93 -15.71 -7.20
CA LYS C 102 -8.57 -16.83 -8.05
C LYS C 102 -9.76 -17.21 -8.93
N ALA C 103 -9.56 -17.15 -10.24
CA ALA C 103 -10.61 -17.47 -11.19
C ALA C 103 -11.14 -18.89 -11.01
N GLY C 104 -12.46 -19.03 -11.05
CA GLY C 104 -13.09 -20.34 -10.91
C GLY C 104 -13.04 -20.93 -9.52
N SER C 105 -12.58 -20.17 -8.54
CA SER C 105 -12.48 -20.68 -7.18
C SER C 105 -13.79 -20.62 -6.38
N LEU C 106 -14.70 -19.75 -6.80
CA LEU C 106 -15.96 -19.61 -6.10
C LEU C 106 -16.88 -20.81 -6.30
N GLU C 107 -17.44 -21.30 -5.20
CA GLU C 107 -18.37 -22.42 -5.27
C GLU C 107 -19.75 -21.93 -4.85
N GLY C 108 -20.21 -22.30 -3.67
CA GLY C 108 -21.50 -21.83 -3.23
C GLY C 108 -21.38 -20.38 -2.80
N TYR C 109 -22.49 -19.65 -2.81
CA TYR C 109 -22.49 -18.26 -2.40
C TYR C 109 -23.91 -17.80 -2.13
N THR C 110 -24.05 -16.84 -1.21
CA THR C 110 -25.35 -16.30 -0.82
C THR C 110 -26.27 -17.45 -0.41
N THR C 112 -26.46 -20.44 -1.41
CA THR C 112 -25.76 -21.69 -1.23
C THR C 112 -24.53 -21.65 -0.32
N ASP C 113 -24.43 -20.62 0.52
CA ASP C 113 -23.31 -20.51 1.46
C ASP C 113 -23.63 -19.76 2.74
N GLY C 114 -24.61 -18.87 2.70
CA GLY C 114 -24.97 -18.13 3.89
C GLY C 114 -25.81 -18.98 4.84
N VAL C 115 -25.69 -18.71 6.14
CA VAL C 115 -26.45 -19.44 7.15
C VAL C 115 -27.13 -18.46 8.09
N VAL C 116 -28.46 -18.49 8.08
CA VAL C 116 -29.26 -17.60 8.93
C VAL C 116 -29.23 -18.10 10.37
N GLN C 117 -29.05 -17.16 11.29
CA GLN C 117 -29.00 -17.45 12.71
C GLN C 117 -30.34 -17.04 13.34
N LEU C 118 -31.20 -18.02 13.57
CA LEU C 118 -32.51 -17.75 14.16
C LEU C 118 -32.42 -17.48 15.66
N LYS D 2 -14.61 -11.71 -25.83
CA LYS D 2 -14.04 -10.63 -25.04
C LYS D 2 -13.51 -11.13 -23.69
N ASN D 3 -12.37 -10.58 -23.27
CA ASN D 3 -11.77 -10.96 -21.99
C ASN D 3 -12.32 -10.11 -20.85
N TYR D 4 -13.45 -9.45 -21.07
CA TYR D 4 -14.04 -8.62 -20.04
C TYR D 4 -15.55 -8.41 -20.26
N GLN D 5 -16.22 -7.95 -19.22
CA GLN D 5 -17.65 -7.63 -19.23
C GLN D 5 -17.79 -6.36 -18.39
N LYS D 6 -18.69 -5.48 -18.81
CA LYS D 6 -18.90 -4.22 -18.12
C LYS D 6 -20.38 -3.93 -17.93
N SER D 8 -23.11 -0.73 -15.75
CA SER D 8 -23.18 0.48 -14.96
C SER D 8 -24.24 0.32 -13.89
N VAL D 9 -23.97 0.87 -12.71
CA VAL D 9 -24.89 0.79 -11.59
C VAL D 9 -25.27 2.19 -11.12
N ALA D 10 -26.56 2.43 -10.97
CA ALA D 10 -27.05 3.73 -10.51
C ALA D 10 -26.48 4.02 -9.12
N GLN D 11 -26.36 5.29 -8.78
CA GLN D 11 -25.82 5.73 -7.49
C GLN D 11 -26.47 5.05 -6.28
N ASP D 12 -27.78 4.87 -6.33
CA ASP D 12 -28.49 4.25 -5.21
C ASP D 12 -29.19 2.95 -5.61
N ALA D 13 -28.55 2.17 -6.49
CA ALA D 13 -29.14 0.91 -6.92
C ALA D 13 -28.59 -0.26 -6.12
N ARG D 14 -29.44 -1.23 -5.85
CA ARG D 14 -29.07 -2.43 -5.11
C ARG D 14 -29.03 -3.58 -6.09
N VAL D 15 -27.84 -4.13 -6.30
CA VAL D 15 -27.69 -5.23 -7.23
C VAL D 15 -26.55 -6.16 -6.84
N GLU D 16 -26.53 -7.33 -7.46
CA GLU D 16 -25.49 -8.33 -7.26
C GLU D 16 -24.81 -8.45 -8.60
N LEU D 17 -23.49 -8.59 -8.59
CA LEU D 17 -22.72 -8.66 -9.82
C LEU D 17 -22.37 -10.03 -10.36
N HIS D 18 -22.45 -11.08 -9.54
CA HIS D 18 -22.07 -12.40 -10.03
C HIS D 18 -22.66 -12.81 -11.37
N ASP D 19 -23.99 -12.89 -11.47
CA ASP D 19 -24.59 -13.31 -12.72
C ASP D 19 -24.49 -12.29 -13.84
N SER D 20 -24.66 -11.01 -13.53
CA SER D 20 -24.59 -9.95 -14.54
C SER D 20 -23.21 -9.79 -15.18
N LEU D 21 -22.15 -10.08 -14.44
CA LEU D 21 -20.80 -9.96 -14.96
C LEU D 21 -20.17 -11.33 -15.18
N ALA D 22 -20.90 -12.38 -14.83
CA ALA D 22 -20.42 -13.75 -14.96
C ALA D 22 -19.12 -13.94 -14.17
N LEU D 23 -19.12 -13.50 -12.91
CA LEU D 23 -17.95 -13.65 -12.06
C LEU D 23 -17.72 -15.13 -11.76
N THR D 24 -16.48 -15.53 -11.55
CA THR D 24 -16.17 -16.92 -11.25
C THR D 24 -15.35 -17.02 -9.97
N GLY D 25 -14.89 -15.89 -9.47
CA GLY D 25 -14.08 -15.91 -8.26
C GLY D 25 -14.70 -15.21 -7.07
N ALA D 26 -15.88 -14.64 -7.27
CA ALA D 26 -16.53 -13.93 -6.17
C ALA D 26 -17.94 -13.51 -6.52
N GLU D 27 -18.60 -12.95 -5.51
CA GLU D 27 -19.93 -12.38 -5.68
C GLU D 27 -19.74 -11.02 -5.05
N VAL D 28 -20.27 -9.99 -5.70
CA VAL D 28 -20.16 -8.64 -5.19
C VAL D 28 -21.55 -8.05 -5.12
N SER D 29 -21.96 -7.62 -3.94
CA SER D 29 -23.28 -7.01 -3.81
C SER D 29 -23.14 -5.57 -3.35
N ILE D 30 -23.86 -4.69 -4.03
CA ILE D 30 -23.86 -3.28 -3.70
C ILE D 30 -25.21 -3.00 -3.04
N ASN D 31 -25.20 -2.46 -1.84
CA ASN D 31 -26.45 -2.19 -1.15
C ASN D 31 -26.36 -0.94 -0.30
N HIS D 32 -27.49 -0.54 0.26
CA HIS D 32 -27.54 0.62 1.14
C HIS D 32 -28.86 0.64 1.89
N LEU D 33 -28.79 1.07 3.13
CA LEU D 33 -29.95 1.11 3.98
C LEU D 33 -30.27 2.54 4.37
N PRO D 34 -31.57 2.88 4.41
CA PRO D 34 -31.96 4.24 4.78
C PRO D 34 -31.75 4.39 6.28
N ALA D 35 -31.70 5.64 6.76
CA ALA D 35 -31.50 5.91 8.18
C ALA D 35 -32.44 5.08 9.05
N GLY D 36 -31.92 4.55 10.15
CA GLY D 36 -32.74 3.76 11.06
C GLY D 36 -33.10 2.35 10.60
N ALA D 37 -32.61 1.94 9.45
CA ALA D 37 -32.92 0.60 8.95
C ALA D 37 -31.70 -0.31 9.01
N GLY D 38 -31.92 -1.60 8.81
CA GLY D 38 -30.83 -2.55 8.84
C GLY D 38 -31.26 -3.92 8.36
N VAL D 39 -30.28 -4.78 8.08
CA VAL D 39 -30.58 -6.14 7.64
C VAL D 39 -31.40 -6.78 8.75
N PRO D 40 -32.61 -7.27 8.43
CA PRO D 40 -33.51 -7.90 9.40
C PRO D 40 -33.09 -9.26 9.96
N PHE D 41 -31.90 -9.71 9.64
CA PHE D 41 -31.46 -11.01 10.16
C PHE D 41 -29.95 -11.08 10.36
N VAL D 42 -29.52 -12.10 11.07
CA VAL D 42 -28.10 -12.34 11.36
C VAL D 42 -27.66 -13.55 10.58
N HIS D 43 -26.44 -13.54 10.06
CA HIS D 43 -25.97 -14.71 9.33
C HIS D 43 -24.47 -14.89 9.34
N SER D 44 -24.07 -16.10 9.05
CA SER D 44 -22.67 -16.48 8.97
C SER D 44 -22.52 -17.20 7.64
N HIS D 45 -21.34 -17.73 7.38
CA HIS D 45 -21.07 -18.44 6.14
C HIS D 45 -20.42 -19.79 6.39
N LYS D 46 -20.64 -20.72 5.45
CA LYS D 46 -20.05 -22.04 5.57
C LYS D 46 -18.59 -22.05 5.16
N GLN D 47 -18.26 -21.45 4.03
CA GLN D 47 -16.88 -21.45 3.58
C GLN D 47 -16.41 -20.14 2.93
N ASN D 48 -17.30 -19.16 2.82
CA ASN D 48 -16.92 -17.90 2.21
C ASN D 48 -16.50 -16.80 3.18
N GLU D 49 -15.35 -16.20 2.87
CA GLU D 49 -14.84 -15.08 3.64
C GLU D 49 -15.62 -13.90 3.07
N GLU D 50 -15.87 -12.89 3.88
CA GLU D 50 -16.61 -11.74 3.41
C GLU D 50 -15.83 -10.46 3.70
N ILE D 51 -15.80 -9.57 2.71
CA ILE D 51 -15.09 -8.30 2.83
C ILE D 51 -16.11 -7.18 2.68
N TYR D 52 -16.22 -6.33 3.68
CA TYR D 52 -17.15 -5.23 3.64
C TYR D 52 -16.43 -3.91 3.43
N GLY D 53 -16.98 -3.08 2.57
CA GLY D 53 -16.39 -1.79 2.29
C GLY D 53 -17.51 -0.76 2.38
N ILE D 54 -17.40 0.20 3.30
CA ILE D 54 -18.43 1.22 3.43
C ILE D 54 -18.10 2.35 2.47
N LEU D 55 -18.97 2.53 1.48
CA LEU D 55 -18.77 3.56 0.46
C LEU D 55 -19.29 4.93 0.86
N SER D 56 -20.33 4.95 1.68
CA SER D 56 -20.91 6.23 2.08
C SER D 56 -21.73 6.13 3.36
N GLY D 57 -22.04 7.29 3.93
CA GLY D 57 -22.84 7.34 5.13
C GLY D 57 -22.12 6.78 6.35
N LYS D 58 -22.91 6.28 7.29
CA LYS D 58 -22.37 5.72 8.51
C LYS D 58 -23.38 4.80 9.15
N GLY D 59 -22.92 3.95 10.07
CA GLY D 59 -23.80 3.02 10.72
C GLY D 59 -23.07 2.09 11.67
N PHE D 60 -23.58 0.87 11.80
CA PHE D 60 -22.98 -0.10 12.71
C PHE D 60 -23.09 -1.50 12.12
N ILE D 61 -22.26 -2.40 12.63
CA ILE D 61 -22.33 -3.79 12.21
C ILE D 61 -22.06 -4.58 13.48
N THR D 62 -22.94 -5.53 13.78
CA THR D 62 -22.77 -6.35 14.97
C THR D 62 -22.17 -7.67 14.55
N ILE D 63 -21.00 -8.00 15.12
CA ILE D 63 -20.34 -9.25 14.79
C ILE D 63 -20.17 -10.04 16.08
N ASP D 64 -20.83 -11.18 16.16
CA ASP D 64 -20.76 -12.05 17.33
C ASP D 64 -21.07 -11.28 18.63
N GLY D 65 -22.18 -10.56 18.64
CA GLY D 65 -22.57 -9.81 19.83
C GLY D 65 -21.91 -8.47 20.03
N GLU D 66 -20.83 -8.22 19.29
CA GLU D 66 -20.12 -6.96 19.41
C GLU D 66 -20.48 -6.00 18.28
N LYS D 67 -20.95 -4.81 18.61
CA LYS D 67 -21.31 -3.89 17.55
C LYS D 67 -20.18 -2.90 17.29
N ILE D 68 -19.81 -2.78 16.02
CA ILE D 68 -18.75 -1.89 15.60
C ILE D 68 -19.29 -0.72 14.81
N GLU D 69 -18.83 0.48 15.16
CA GLU D 69 -19.27 1.67 14.45
C GLU D 69 -18.64 1.69 13.07
N LEU D 70 -19.40 2.16 12.08
CA LEU D 70 -18.93 2.22 10.70
C LEU D 70 -19.13 3.60 10.08
N GLN D 71 -18.22 3.95 9.18
CA GLN D 71 -18.31 5.21 8.45
C GLN D 71 -17.62 5.04 7.11
N ALA D 72 -17.92 5.92 6.18
CA ALA D 72 -17.32 5.87 4.86
C ALA D 72 -15.81 5.67 4.99
N GLY D 73 -15.25 4.76 4.20
CA GLY D 73 -13.83 4.51 4.25
C GLY D 73 -13.43 3.31 5.09
N ASP D 74 -14.37 2.76 5.86
CA ASP D 74 -14.08 1.59 6.69
C ASP D 74 -14.14 0.29 5.87
N TRP D 75 -13.20 -0.61 6.13
CA TRP D 75 -13.14 -1.89 5.44
C TRP D 75 -12.96 -3.00 6.47
N LEU D 76 -13.69 -4.09 6.28
CA LEU D 76 -13.61 -5.20 7.22
C LEU D 76 -13.55 -6.56 6.56
N ARG D 77 -12.89 -7.49 7.23
CA ARG D 77 -12.81 -8.86 6.78
C ARG D 77 -13.61 -9.60 7.83
N ILE D 78 -14.44 -10.54 7.42
CA ILE D 78 -15.21 -11.30 8.39
C ILE D 78 -15.03 -12.77 8.06
N ALA D 79 -14.56 -13.53 9.05
CA ALA D 79 -14.36 -14.95 8.84
C ALA D 79 -15.73 -15.61 8.74
N PRO D 80 -15.79 -16.78 8.09
CA PRO D 80 -17.02 -17.55 7.91
C PRO D 80 -17.89 -17.71 9.15
N ASP D 81 -17.27 -18.09 10.26
CA ASP D 81 -17.99 -18.31 11.51
C ASP D 81 -18.61 -17.04 12.13
N GLY D 82 -18.11 -15.88 11.73
CA GLY D 82 -18.65 -14.66 12.29
C GLY D 82 -20.12 -14.45 12.01
N LYS D 83 -20.90 -14.17 13.06
CA LYS D 83 -22.34 -13.89 12.93
C LYS D 83 -22.43 -12.38 12.77
N ARG D 84 -22.92 -11.95 11.62
CA ARG D 84 -22.98 -10.52 11.32
C ARG D 84 -24.36 -9.97 11.00
N GLN D 85 -24.49 -8.66 11.19
CA GLN D 85 -25.74 -7.96 10.91
C GLN D 85 -25.41 -6.47 10.87
N ILE D 86 -25.51 -5.87 9.69
CA ILE D 86 -25.22 -4.45 9.51
C ILE D 86 -26.50 -3.62 9.53
N SER D 87 -26.36 -2.35 9.89
CA SER D 87 -27.49 -1.44 9.94
C SER D 87 -27.00 0.00 9.77
N ALA D 88 -27.88 0.86 9.32
CA ALA D 88 -27.55 2.27 9.11
C ALA D 88 -27.61 3.01 10.44
N ALA D 89 -27.10 4.23 10.44
CA ALA D 89 -27.13 5.04 11.66
C ALA D 89 -28.55 5.56 11.81
N SER D 90 -28.87 6.00 13.02
CA SER D 90 -30.19 6.53 13.32
C SER D 90 -30.47 7.81 12.54
N ASP D 91 -29.42 8.60 12.31
CA ASP D 91 -29.57 9.87 11.62
C ASP D 91 -28.90 9.88 10.25
N SER D 92 -28.62 8.71 9.71
CA SER D 92 -27.96 8.64 8.40
C SER D 92 -28.02 7.28 7.73
N PRO D 93 -28.13 7.29 6.40
CA PRO D 93 -28.17 6.03 5.64
C PRO D 93 -26.74 5.53 5.53
N ILE D 94 -26.57 4.35 4.96
CA ILE D 94 -25.25 3.78 4.79
C ILE D 94 -25.20 3.00 3.48
N GLY D 95 -24.11 3.18 2.73
CA GLY D 95 -23.94 2.49 1.46
C GLY D 95 -22.69 1.64 1.57
N PHE D 96 -22.79 0.37 1.17
CA PHE D 96 -21.65 -0.53 1.29
C PHE D 96 -21.56 -1.65 0.25
N LEU D 97 -20.36 -2.23 0.20
CA LEU D 97 -20.05 -3.34 -0.69
C LEU D 97 -19.77 -4.59 0.14
N CYS D 98 -20.24 -5.72 -0.35
CA CYS D 98 -20.02 -7.02 0.29
C CYS D 98 -19.39 -7.93 -0.74
N ILE D 99 -18.10 -8.21 -0.57
CA ILE D 99 -17.37 -9.08 -1.48
C ILE D 99 -17.29 -10.46 -0.83
N GLN D 100 -17.87 -11.44 -1.52
CA GLN D 100 -17.91 -12.80 -1.03
C GLN D 100 -16.92 -13.65 -1.82
N VAL D 101 -15.98 -14.28 -1.13
CA VAL D 101 -14.96 -15.13 -1.76
C VAL D 101 -14.69 -16.37 -0.90
N LYS D 102 -14.31 -17.46 -1.54
CA LYS D 102 -14.03 -18.69 -0.80
C LYS D 102 -12.78 -18.48 0.05
N ALA D 103 -12.95 -18.64 1.36
CA ALA D 103 -11.86 -18.47 2.30
C ALA D 103 -10.69 -19.41 2.00
N GLY D 104 -9.47 -18.88 2.08
CA GLY D 104 -8.27 -19.66 1.81
C GLY D 104 -8.05 -20.06 0.37
N SER D 105 -8.87 -19.56 -0.55
CA SER D 105 -8.73 -19.92 -1.96
C SER D 105 -7.66 -19.14 -2.71
N LEU D 106 -7.30 -17.96 -2.20
CA LEU D 106 -6.30 -17.14 -2.85
C LEU D 106 -4.90 -17.73 -2.74
N GLU D 107 -4.19 -17.75 -3.86
CA GLU D 107 -2.81 -18.26 -3.88
C GLU D 107 -1.90 -17.09 -4.21
N GLY D 108 -1.35 -17.06 -5.42
CA GLY D 108 -0.50 -15.95 -5.79
C GLY D 108 -1.34 -14.73 -6.08
N TYR D 109 -0.74 -13.55 -5.99
CA TYR D 109 -1.47 -12.32 -6.27
C TYR D 109 -0.49 -11.18 -6.45
N THR D 110 -0.87 -10.21 -7.27
CA THR D 110 -0.04 -9.05 -7.56
C THR D 110 1.32 -9.53 -8.06
N THR D 112 3.03 -12.09 -7.34
CA THR D 112 3.06 -13.51 -7.67
C THR D 112 1.94 -14.00 -8.58
N ASP D 113 1.31 -13.10 -9.34
CA ASP D 113 0.27 -13.49 -10.29
C ASP D 113 0.14 -12.55 -11.48
N GLY D 114 0.54 -11.30 -11.33
CA GLY D 114 0.44 -10.36 -12.44
C GLY D 114 1.57 -10.58 -13.44
N VAL D 115 1.30 -10.29 -14.71
CA VAL D 115 2.29 -10.45 -15.75
C VAL D 115 2.36 -9.17 -16.58
N VAL D 116 3.51 -8.52 -16.55
CA VAL D 116 3.72 -7.29 -17.29
C VAL D 116 3.91 -7.58 -18.77
N GLN D 117 3.25 -6.79 -19.60
CA GLN D 117 3.32 -6.95 -21.04
C GLN D 117 4.49 -6.13 -21.58
N LEU D 118 5.61 -6.81 -21.80
CA LEU D 118 6.83 -6.18 -22.31
C LEU D 118 6.62 -5.58 -23.69
#